data_2I51
#
_entry.id   2I51
#
_cell.length_a   65.647
_cell.length_b   65.928
_cell.length_c   112.380
_cell.angle_alpha   90.000
_cell.angle_beta   90.000
_cell.angle_gamma   90.000
#
_symmetry.space_group_name_H-M   'P 21 21 21'
#
loop_
_entity.id
_entity.type
_entity.pdbx_description
1 polymer 'Uncharacterized conserved protein of COG5135'
2 non-polymer 'FLAVIN MONONUCLEOTIDE'
3 non-polymer 1,2-ETHANEDIOL
4 non-polymer GLYCEROL
5 water water
#
_entity_poly.entity_id   1
_entity_poly.type   'polypeptide(L)'
_entity_poly.pdbx_seq_one_letter_code
;G(MSE)SLAPWRGAIAHALHRNRSLVYARYLQLATVQPNGRPANRTLVFRGFLEDTNQLRFITDTRSAKADQIQQQPWAE
ICWYFPNTREQFR(MSE)AGDLTLISSDDSHQDLQPARIA(MSE)WQELSDAARLQFGWPYPGKPRIKESGAFEPSPPDP
IEPVPNFCLLLLDPVQVDHLELRGEPQNRWLYHRNDQQEWSSEAINP
;
_entity_poly.pdbx_strand_id   A,B
#
# COMPACT_ATOMS: atom_id res chain seq x y z
N SER A 3 0.60 1.93 28.10
CA SER A 3 0.29 3.36 27.98
C SER A 3 -0.01 3.64 26.50
N LEU A 4 -0.88 4.60 26.26
CA LEU A 4 -1.24 4.97 24.88
CA LEU A 4 -1.25 5.01 24.91
C LEU A 4 -0.04 5.54 24.17
N ALA A 5 0.21 5.04 22.97
CA ALA A 5 1.30 5.56 22.17
C ALA A 5 0.99 6.99 21.77
N PRO A 6 2.03 7.81 21.58
CA PRO A 6 1.84 9.24 21.39
C PRO A 6 1.21 9.66 20.07
N TRP A 7 1.10 8.72 19.15
CA TRP A 7 0.44 8.94 17.86
C TRP A 7 -1.01 8.49 17.86
N ARG A 8 -1.48 7.98 19.00
CA ARG A 8 -2.86 7.50 19.05
C ARG A 8 -3.88 8.63 18.89
N GLY A 9 -3.60 9.78 19.48
CA GLY A 9 -4.49 10.91 19.28
C GLY A 9 -4.59 11.36 17.85
N ALA A 10 -3.46 11.33 17.14
CA ALA A 10 -3.42 11.72 15.72
C ALA A 10 -4.29 10.78 14.92
N ILE A 11 -4.17 9.48 15.18
CA ILE A 11 -4.99 8.49 14.49
CA ILE A 11 -4.97 8.57 14.41
C ILE A 11 -6.48 8.71 14.79
N ALA A 12 -6.79 8.97 16.08
CA ALA A 12 -8.18 9.18 16.43
C ALA A 12 -8.76 10.38 15.71
N HIS A 13 -7.96 11.44 15.60
CA HIS A 13 -8.42 12.69 14.92
C HIS A 13 -8.57 12.44 13.43
N ALA A 14 -7.70 11.64 12.82
CA ALA A 14 -7.84 11.31 11.40
C ALA A 14 -9.08 10.46 11.17
N LEU A 15 -9.29 9.45 12.00
CA LEU A 15 -10.46 8.59 11.84
C LEU A 15 -11.74 9.41 11.98
N HIS A 16 -11.81 10.27 12.99
CA HIS A 16 -13.00 11.06 13.19
C HIS A 16 -13.30 11.99 12.02
N ARG A 17 -12.29 12.67 11.51
CA ARG A 17 -12.48 13.66 10.47
C ARG A 17 -12.68 13.02 9.11
N ASN A 18 -12.49 11.72 9.02
CA ASN A 18 -12.74 10.95 7.79
C ASN A 18 -13.92 9.99 7.88
N ARG A 19 -14.73 10.11 8.93
CA ARG A 19 -15.78 9.15 9.22
C ARG A 19 -16.88 9.12 8.14
N SER A 20 -16.98 10.15 7.30
CA SER A 20 -18.00 10.19 6.22
C SER A 20 -17.60 9.24 5.09
N LEU A 21 -16.34 8.82 5.07
CA LEU A 21 -15.82 7.94 4.00
C LEU A 21 -15.61 6.55 4.53
N VAL A 22 -16.42 5.59 4.07
CA VAL A 22 -16.27 4.20 4.55
C VAL A 22 -14.84 3.69 4.35
N TYR A 23 -14.28 4.09 3.22
CA TYR A 23 -12.99 3.64 2.78
C TYR A 23 -11.77 4.28 3.48
N ALA A 24 -12.03 5.21 4.37
CA ALA A 24 -10.94 5.78 5.17
C ALA A 24 -10.44 4.74 6.18
N ARG A 25 -11.17 3.64 6.37
CA ARG A 25 -10.72 2.53 7.21
C ARG A 25 -10.01 1.46 6.39
N TYR A 26 -9.70 1.74 5.14
CA TYR A 26 -8.97 0.80 4.31
C TYR A 26 -7.52 1.25 4.24
N LEU A 27 -6.58 0.33 4.39
CA LEU A 27 -5.17 0.68 4.40
C LEU A 27 -4.39 -0.41 3.67
N GLN A 28 -3.16 -0.14 3.32
CA GLN A 28 -2.34 -1.07 2.53
C GLN A 28 -1.24 -1.68 3.36
N LEU A 29 -1.19 -3.01 3.37
CA LEU A 29 -0.19 -3.72 4.17
C LEU A 29 0.85 -4.31 3.24
N ALA A 30 2.11 -3.90 3.43
CA ALA A 30 3.22 -4.44 2.67
C ALA A 30 3.96 -5.47 3.50
N THR A 31 4.26 -6.59 2.87
CA THR A 31 5.06 -7.64 3.44
C THR A 31 6.18 -7.99 2.45
N VAL A 32 7.08 -8.91 2.84
CA VAL A 32 8.13 -9.39 1.95
C VAL A 32 7.91 -10.87 1.72
N GLN A 33 8.03 -11.29 0.46
CA GLN A 33 7.90 -12.69 0.10
C GLN A 33 9.19 -13.45 0.43
N PRO A 34 9.11 -14.78 0.57
CA PRO A 34 10.32 -15.60 0.72
C PRO A 34 11.37 -15.33 -0.36
N ASN A 35 10.94 -14.99 -1.57
CA ASN A 35 11.90 -14.70 -2.65
C ASN A 35 12.51 -13.28 -2.58
N GLY A 36 12.15 -12.50 -1.56
CA GLY A 36 12.76 -11.20 -1.31
C GLY A 36 11.97 -10.02 -1.92
N ARG A 37 10.96 -10.34 -2.71
CA ARG A 37 10.18 -9.27 -3.36
C ARG A 37 9.06 -8.79 -2.43
N PRO A 38 8.65 -7.53 -2.54
CA PRO A 38 7.55 -6.99 -1.72
C PRO A 38 6.21 -7.49 -2.23
N ALA A 39 5.22 -7.38 -1.35
CA ALA A 39 3.80 -7.64 -1.66
C ALA A 39 3.01 -6.58 -0.93
N ASN A 40 1.90 -6.19 -1.52
CA ASN A 40 1.14 -5.05 -1.01
C ASN A 40 -0.32 -5.24 -1.33
N ARG A 41 -1.19 -5.14 -0.33
CA ARG A 41 -2.65 -5.28 -0.56
C ARG A 41 -3.43 -4.53 0.46
N THR A 42 -4.68 -4.21 0.11
CA THR A 42 -5.56 -3.50 0.98
C THR A 42 -6.20 -4.43 2.00
N LEU A 43 -6.30 -3.95 3.24
CA LEU A 43 -7.07 -4.61 4.27
C LEU A 43 -7.97 -3.60 4.93
N VAL A 44 -9.02 -4.06 5.62
CA VAL A 44 -9.84 -3.21 6.49
C VAL A 44 -9.29 -3.13 7.89
N PHE A 45 -9.05 -1.91 8.40
CA PHE A 45 -8.70 -1.70 9.78
C PHE A 45 -9.92 -2.02 10.65
N ARG A 46 -9.68 -2.87 11.65
CA ARG A 46 -10.74 -3.33 12.55
CA ARG A 46 -10.76 -3.28 12.53
C ARG A 46 -10.52 -2.90 13.99
N GLY A 47 -9.95 -1.71 14.20
CA GLY A 47 -9.76 -1.17 15.53
C GLY A 47 -8.47 -1.60 16.18
N PHE A 48 -8.15 -0.98 17.30
CA PHE A 48 -7.09 -1.43 18.18
C PHE A 48 -7.54 -2.52 19.13
N LEU A 49 -6.61 -3.39 19.46
CA LEU A 49 -6.85 -4.44 20.43
C LEU A 49 -6.89 -3.75 21.77
N GLU A 50 -7.88 -4.09 22.58
CA GLU A 50 -8.11 -3.39 23.83
CA GLU A 50 -8.11 -3.40 23.83
C GLU A 50 -6.88 -3.45 24.73
N ASP A 51 -6.61 -2.33 25.40
CA ASP A 51 -5.49 -2.19 26.26
C ASP A 51 -4.12 -2.37 25.63
N THR A 52 -4.06 -2.18 24.31
CA THR A 52 -2.78 -2.22 23.61
C THR A 52 -2.80 -1.13 22.53
N ASN A 53 -1.64 -0.98 21.88
CA ASN A 53 -1.46 -0.14 20.69
C ASN A 53 -1.38 -0.97 19.40
N GLN A 54 -1.83 -2.21 19.45
CA GLN A 54 -1.87 -3.09 18.27
C GLN A 54 -3.09 -2.87 17.44
N LEU A 55 -2.89 -2.83 16.14
CA LEU A 55 -4.02 -2.76 15.17
C LEU A 55 -4.49 -4.14 14.77
N ARG A 56 -5.81 -4.31 14.66
CA ARG A 56 -6.47 -5.57 14.30
C ARG A 56 -6.90 -5.60 12.86
N PHE A 57 -6.64 -6.77 12.23
CA PHE A 57 -7.14 -7.09 10.90
C PHE A 57 -7.55 -8.58 10.94
N ILE A 58 -8.26 -9.00 9.91
CA ILE A 58 -8.55 -10.41 9.70
C ILE A 58 -8.03 -10.84 8.34
N THR A 59 -7.73 -12.12 8.23
CA THR A 59 -7.30 -12.69 6.96
C THR A 59 -7.54 -14.18 6.98
N ASP A 60 -7.50 -14.77 5.80
CA ASP A 60 -7.70 -16.21 5.63
C ASP A 60 -6.36 -16.94 5.67
N THR A 61 -6.28 -18.07 6.38
CA THR A 61 -5.04 -18.86 6.45
C THR A 61 -4.62 -19.36 5.06
N ARG A 62 -5.57 -19.46 4.13
CA ARG A 62 -5.30 -19.97 2.78
C ARG A 62 -4.70 -18.91 1.89
N SER A 63 -4.70 -17.65 2.33
CA SER A 63 -4.15 -16.58 1.48
C SER A 63 -2.61 -16.59 1.46
N ALA A 64 -2.05 -16.03 0.38
CA ALA A 64 -0.61 -15.98 0.27
C ALA A 64 0.07 -15.24 1.40
N LYS A 65 -0.56 -14.19 1.90
CA LYS A 65 0.09 -13.36 2.89
C LYS A 65 0.31 -14.18 4.15
N ALA A 66 -0.54 -15.18 4.40
CA ALA A 66 -0.37 -15.98 5.64
C ALA A 66 1.01 -16.61 5.71
N ASP A 67 1.44 -17.25 4.62
CA ASP A 67 2.76 -17.87 4.63
C ASP A 67 3.86 -16.83 4.63
N GLN A 68 3.63 -15.72 3.94
CA GLN A 68 4.65 -14.66 3.90
C GLN A 68 4.90 -14.17 5.34
N ILE A 69 3.82 -13.96 6.09
CA ILE A 69 3.92 -13.43 7.44
C ILE A 69 4.59 -14.42 8.38
N GLN A 70 4.26 -15.70 8.24
CA GLN A 70 4.90 -16.70 9.06
C GLN A 70 6.40 -16.73 8.87
N GLN A 71 6.87 -16.51 7.64
CA GLN A 71 8.31 -16.49 7.38
C GLN A 71 8.99 -15.17 7.72
N GLN A 72 8.28 -14.04 7.60
CA GLN A 72 8.85 -12.73 7.93
C GLN A 72 7.71 -11.88 8.48
N PRO A 73 7.58 -11.85 9.81
CA PRO A 73 6.47 -11.14 10.39
CA PRO A 73 6.52 -11.09 10.47
C PRO A 73 6.59 -9.57 10.29
C PRO A 73 6.91 -9.69 10.80
N TRP A 74 7.68 -9.00 9.83
N TRP A 74 7.53 -9.00 9.83
CA TRP A 74 7.73 -7.54 9.85
C TRP A 74 6.97 -6.95 8.66
N ALA A 75 6.07 -5.99 8.90
CA ALA A 75 5.26 -5.39 7.82
C ALA A 75 5.28 -3.86 7.94
N GLU A 76 4.90 -3.18 6.87
CA GLU A 76 4.71 -1.76 6.95
C GLU A 76 3.37 -1.41 6.30
N ILE A 77 2.52 -0.77 7.08
CA ILE A 77 1.28 -0.30 6.51
CA ILE A 77 1.22 -0.22 6.65
C ILE A 77 1.45 1.14 6.03
N CYS A 78 0.70 1.49 4.98
CA CYS A 78 0.55 2.85 4.55
C CYS A 78 -0.93 3.10 4.55
N TRP A 79 -1.31 4.18 5.22
CA TRP A 79 -2.71 4.52 5.47
C TRP A 79 -2.94 5.98 5.10
N TYR A 80 -3.72 6.21 4.05
CA TYR A 80 -4.00 7.53 3.56
C TYR A 80 -5.44 7.91 3.86
N PHE A 81 -5.62 9.12 4.40
CA PHE A 81 -6.91 9.66 4.82
C PHE A 81 -7.29 10.77 3.86
N PRO A 82 -8.26 10.48 2.96
CA PRO A 82 -8.48 11.41 1.87
C PRO A 82 -9.10 12.75 2.18
N ASN A 83 -9.89 12.84 3.25
CA ASN A 83 -10.56 14.09 3.56
C ASN A 83 -9.61 15.09 4.22
N THR A 84 -8.64 14.58 4.97
CA THR A 84 -7.69 15.42 5.65
C THR A 84 -6.30 15.43 5.01
N ARG A 85 -6.11 14.65 3.94
CA ARG A 85 -4.84 14.68 3.18
C ARG A 85 -3.63 14.38 4.10
N GLU A 86 -3.75 13.29 4.87
CA GLU A 86 -2.67 12.85 5.75
C GLU A 86 -2.36 11.39 5.58
N GLN A 87 -1.12 11.00 5.81
CA GLN A 87 -0.68 9.66 5.65
C GLN A 87 0.01 9.20 6.92
N PHE A 88 -0.29 7.97 7.33
CA PHE A 88 0.46 7.29 8.38
C PHE A 88 1.14 6.06 7.78
N ARG A 89 2.43 5.96 7.99
CA ARG A 89 3.18 4.75 7.67
C ARG A 89 3.56 4.13 8.99
N ALA A 91 5.35 0.70 10.85
CA ALA A 91 6.15 -0.49 10.64
C ALA A 91 6.31 -1.22 11.95
N GLY A 92 6.22 -2.54 11.92
CA GLY A 92 6.43 -3.32 13.12
C GLY A 92 6.09 -4.78 12.89
N ASP A 93 6.09 -5.52 13.98
CA ASP A 93 5.92 -6.97 13.88
CA ASP A 93 5.94 -6.96 13.99
C ASP A 93 4.46 -7.35 13.88
N LEU A 94 4.18 -8.33 13.02
CA LEU A 94 2.90 -8.96 12.93
C LEU A 94 2.79 -10.17 13.82
N THR A 95 1.61 -10.41 14.34
CA THR A 95 1.24 -11.66 15.00
C THR A 95 0.03 -12.25 14.26
N LEU A 96 0.12 -13.47 13.81
CA LEU A 96 -0.95 -14.13 13.09
C LEU A 96 -1.50 -15.21 14.01
N ILE A 97 -2.75 -15.00 14.42
CA ILE A 97 -3.42 -15.91 15.36
C ILE A 97 -4.46 -16.68 14.55
N SER A 98 -4.19 -17.96 14.36
CA SER A 98 -5.02 -18.87 13.56
C SER A 98 -5.61 -19.90 14.51
N SER A 99 -5.99 -21.07 14.00
CA SER A 99 -6.44 -22.13 14.89
C SER A 99 -5.27 -23.00 15.35
N ASP A 100 -4.06 -22.74 14.88
CA ASP A 100 -2.92 -23.50 15.41
C ASP A 100 -2.57 -23.08 16.85
N ASP A 101 -1.63 -23.77 17.51
CA ASP A 101 -1.41 -23.54 18.95
C ASP A 101 -0.29 -22.54 19.29
N SER A 102 0.11 -21.74 18.31
CA SER A 102 1.22 -20.79 18.47
C SER A 102 0.95 -19.61 19.40
N HIS A 103 -0.31 -19.23 19.58
CA HIS A 103 -0.64 -18.02 20.32
C HIS A 103 -1.88 -18.24 21.17
N GLN A 104 -1.80 -19.21 22.07
CA GLN A 104 -2.98 -19.62 22.86
C GLN A 104 -3.49 -18.50 23.71
N ASP A 105 -2.59 -17.69 24.23
CA ASP A 105 -2.97 -16.53 25.01
C ASP A 105 -3.82 -15.50 24.28
N LEU A 106 -3.79 -15.50 22.94
CA LEU A 106 -4.56 -14.56 22.18
C LEU A 106 -5.80 -15.20 21.54
N GLN A 107 -6.09 -16.44 21.89
CA GLN A 107 -7.35 -17.02 21.36
C GLN A 107 -8.58 -16.20 21.74
N PRO A 108 -8.71 -15.73 23.01
CA PRO A 108 -9.87 -14.90 23.31
C PRO A 108 -9.99 -13.69 22.38
N ALA A 109 -8.88 -13.06 22.01
CA ALA A 109 -8.92 -11.95 21.08
C ALA A 109 -9.41 -12.38 19.73
N ARG A 110 -8.93 -13.52 19.26
CA ARG A 110 -9.39 -14.06 17.97
C ARG A 110 -10.88 -14.38 17.95
N ILE A 111 -11.33 -15.00 19.01
CA ILE A 111 -12.75 -15.39 19.17
C ILE A 111 -13.63 -14.13 19.22
N ALA A 112 -13.22 -13.11 19.99
CA ALA A 112 -13.94 -11.86 20.06
C ALA A 112 -14.05 -11.21 18.69
N TRP A 114 -13.92 -12.61 15.70
CA TRP A 114 -14.86 -13.41 14.92
C TRP A 114 -16.29 -13.05 15.23
N GLN A 115 -16.60 -12.97 16.53
CA GLN A 115 -17.95 -12.70 16.99
C GLN A 115 -18.43 -11.28 16.63
N GLU A 116 -17.50 -10.34 16.54
CA GLU A 116 -17.81 -8.95 16.25
C GLU A 116 -18.08 -8.70 14.78
N LEU A 117 -17.66 -9.61 13.93
CA LEU A 117 -17.89 -9.47 12.51
C LEU A 117 -19.36 -9.50 12.12
N SER A 118 -19.68 -8.95 10.94
CA SER A 118 -20.96 -9.25 10.37
C SER A 118 -21.09 -10.69 9.82
N ASP A 119 -22.33 -11.13 9.58
CA ASP A 119 -22.53 -12.40 8.89
C ASP A 119 -21.82 -12.42 7.56
N ALA A 120 -21.92 -11.31 6.82
CA ALA A 120 -21.28 -11.27 5.50
C ALA A 120 -19.77 -11.52 5.56
N ALA A 121 -19.14 -10.92 6.57
CA ALA A 121 -17.73 -11.02 6.73
C ALA A 121 -17.37 -12.46 7.13
N ARG A 122 -18.13 -13.07 8.05
CA ARG A 122 -17.84 -14.47 8.39
C ARG A 122 -18.04 -15.43 7.21
N LEU A 123 -19.08 -15.15 6.39
CA LEU A 123 -19.44 -16.03 5.26
CA LEU A 123 -19.45 -15.97 5.24
C LEU A 123 -18.26 -16.17 4.28
N GLN A 124 -17.50 -15.12 4.09
CA GLN A 124 -16.39 -15.16 3.12
C GLN A 124 -15.34 -16.20 3.44
N PHE A 125 -15.22 -16.59 4.72
CA PHE A 125 -14.27 -17.62 5.08
C PHE A 125 -14.72 -19.01 4.58
N GLY A 126 -15.97 -19.12 4.11
CA GLY A 126 -16.46 -20.33 3.49
C GLY A 126 -16.38 -20.37 1.98
N TRP A 127 -15.80 -19.34 1.40
CA TRP A 127 -15.62 -19.29 -0.06
C TRP A 127 -14.52 -20.24 -0.54
N PRO A 128 -14.54 -20.59 -1.84
CA PRO A 128 -13.51 -21.48 -2.33
C PRO A 128 -12.11 -20.93 -2.24
N TYR A 129 -11.14 -21.82 -2.37
CA TYR A 129 -9.74 -21.56 -2.09
C TYR A 129 -9.21 -20.35 -2.88
N PRO A 130 -8.79 -19.30 -2.17
CA PRO A 130 -8.38 -18.09 -2.85
C PRO A 130 -7.23 -18.32 -3.79
N GLY A 131 -7.30 -17.68 -4.97
CA GLY A 131 -6.25 -17.78 -5.98
C GLY A 131 -6.30 -18.94 -6.95
N LYS A 132 -7.17 -19.92 -6.72
CA LYS A 132 -7.28 -21.02 -7.62
C LYS A 132 -8.20 -20.62 -8.76
N PRO A 133 -8.24 -21.40 -9.86
CA PRO A 133 -9.17 -21.09 -10.96
C PRO A 133 -10.59 -20.85 -10.51
N ARG A 134 -11.21 -19.80 -11.04
CA ARG A 134 -12.50 -19.31 -10.54
C ARG A 134 -13.57 -20.38 -10.70
N ILE A 135 -14.21 -20.74 -9.59
CA ILE A 135 -15.39 -21.60 -9.59
C ILE A 135 -16.52 -20.80 -10.25
N LYS A 136 -17.16 -21.37 -11.27
CA LYS A 136 -18.13 -20.61 -12.08
C LYS A 136 -19.56 -20.66 -11.52
N GLU A 137 -19.84 -21.58 -10.62
CA GLU A 137 -21.18 -21.70 -10.05
C GLU A 137 -21.32 -20.74 -8.85
N SER A 138 -22.37 -19.92 -8.88
CA SER A 138 -22.60 -18.91 -7.84
C SER A 138 -22.80 -19.56 -6.46
N GLY A 139 -23.29 -20.80 -6.46
CA GLY A 139 -23.56 -21.53 -5.23
C GLY A 139 -22.38 -21.64 -4.27
N ALA A 140 -21.17 -21.80 -4.83
CA ALA A 140 -19.94 -21.95 -4.04
C ALA A 140 -19.65 -20.69 -3.23
N PHE A 141 -20.24 -19.57 -3.63
CA PHE A 141 -20.04 -18.29 -2.95
C PHE A 141 -21.19 -17.90 -2.04
N GLU A 142 -22.15 -18.82 -1.89
CA GLU A 142 -23.35 -18.65 -1.08
C GLU A 142 -23.49 -19.76 -0.05
N PRO A 143 -22.40 -20.03 0.71
CA PRO A 143 -22.53 -21.08 1.73
C PRO A 143 -23.45 -20.65 2.86
N SER A 144 -23.95 -21.60 3.65
CA SER A 144 -24.70 -21.27 4.86
C SER A 144 -23.75 -20.57 5.81
N PRO A 145 -24.27 -19.64 6.64
CA PRO A 145 -23.36 -18.92 7.53
C PRO A 145 -22.67 -19.87 8.46
N PRO A 146 -21.40 -19.60 8.76
CA PRO A 146 -20.76 -20.41 9.78
C PRO A 146 -21.28 -20.10 11.19
N ASP A 147 -20.86 -20.92 12.13
CA ASP A 147 -21.16 -20.68 13.56
C ASP A 147 -20.68 -19.27 13.92
N PRO A 148 -21.59 -18.42 14.41
CA PRO A 148 -21.20 -17.03 14.67
C PRO A 148 -20.49 -16.84 16.01
N ILE A 149 -20.37 -17.92 16.76
CA ILE A 149 -19.73 -17.91 18.07
C ILE A 149 -18.28 -18.44 17.99
N GLU A 150 -18.06 -19.47 17.15
CA GLU A 150 -16.84 -20.26 17.14
C GLU A 150 -16.13 -20.12 15.82
N PRO A 151 -14.92 -19.56 15.78
CA PRO A 151 -14.25 -19.29 14.52
C PRO A 151 -13.91 -20.53 13.73
N VAL A 152 -13.94 -20.40 12.39
CA VAL A 152 -13.56 -21.50 11.50
C VAL A 152 -12.04 -21.58 11.44
N PRO A 153 -11.52 -22.76 11.08
CA PRO A 153 -10.08 -22.97 11.18
C PRO A 153 -9.25 -22.09 10.29
N ASN A 154 -9.80 -21.59 9.19
CA ASN A 154 -9.06 -20.73 8.30
C ASN A 154 -9.21 -19.24 8.64
N PHE A 155 -9.92 -18.91 9.70
CA PHE A 155 -9.98 -17.54 10.18
C PHE A 155 -8.79 -17.17 11.03
N CYS A 156 -8.11 -16.06 10.66
CA CYS A 156 -7.03 -15.52 11.45
C CYS A 156 -7.32 -14.11 11.87
N LEU A 157 -6.91 -13.80 13.09
CA LEU A 157 -6.75 -12.43 13.60
C LEU A 157 -5.27 -12.07 13.35
N LEU A 158 -5.07 -10.95 12.70
CA LEU A 158 -3.72 -10.42 12.41
C LEU A 158 -3.54 -9.14 13.22
N LEU A 159 -2.50 -9.08 14.03
CA LEU A 159 -2.15 -7.88 14.81
C LEU A 159 -0.88 -7.27 14.28
N LEU A 160 -0.84 -5.94 14.19
CA LEU A 160 0.38 -5.18 13.96
C LEU A 160 0.70 -4.35 15.19
N ASP A 161 1.94 -4.50 15.66
CA ASP A 161 2.47 -3.72 16.80
C ASP A 161 3.49 -2.71 16.28
N PRO A 162 3.05 -1.46 16.04
CA PRO A 162 4.01 -0.51 15.48
C PRO A 162 5.21 -0.20 16.38
N VAL A 163 6.38 -0.20 15.77
CA VAL A 163 7.52 0.36 16.47
CA VAL A 163 7.65 0.23 16.34
C VAL A 163 8.07 1.62 15.81
N GLN A 164 7.60 1.95 14.62
CA GLN A 164 7.96 3.19 13.98
C GLN A 164 6.76 3.71 13.24
N VAL A 165 6.45 5.00 13.39
CA VAL A 165 5.33 5.63 12.73
C VAL A 165 5.80 6.94 12.09
N ASP A 166 5.48 7.16 10.82
CA ASP A 166 5.80 8.41 10.06
C ASP A 166 4.46 9.00 9.69
N HIS A 167 4.15 10.17 10.22
CA HIS A 167 2.90 10.88 9.96
C HIS A 167 3.15 12.11 9.12
N LEU A 168 2.57 12.17 7.92
CA LEU A 168 2.74 13.25 6.98
C LEU A 168 1.38 13.93 6.82
N GLU A 169 1.36 15.23 7.07
CA GLU A 169 0.20 16.09 6.89
C GLU A 169 0.45 16.97 5.67
N LEU A 170 -0.32 16.79 4.60
CA LEU A 170 -0.13 17.62 3.43
C LEU A 170 -0.70 19.01 3.64
N ARG A 171 -1.62 19.18 4.57
CA ARG A 171 -2.19 20.51 4.88
CA ARG A 171 -2.16 20.52 4.85
C ARG A 171 -1.40 21.12 6.02
N GLY A 172 -0.17 21.54 5.74
CA GLY A 172 0.71 22.13 6.76
C GLY A 172 1.23 23.49 6.35
N GLU A 173 2.46 23.79 6.76
CA GLU A 173 3.06 25.08 6.46
C GLU A 173 4.50 24.90 5.93
N PRO A 174 4.64 24.27 4.75
CA PRO A 174 3.59 23.83 3.84
C PRO A 174 3.05 22.41 4.09
N GLN A 175 3.89 21.57 4.69
CA GLN A 175 3.53 20.20 5.10
C GLN A 175 4.21 19.94 6.39
N ASN A 176 3.67 19.04 7.19
CA ASN A 176 4.26 18.66 8.47
C ASN A 176 4.54 17.16 8.42
N ARG A 177 5.68 16.73 8.94
CA ARG A 177 6.04 15.33 9.02
C ARG A 177 6.67 15.05 10.36
N TRP A 178 6.18 14.01 11.04
CA TRP A 178 6.64 13.60 12.34
C TRP A 178 6.99 12.14 12.31
N LEU A 179 8.10 11.79 12.93
CA LEU A 179 8.55 10.42 13.08
C LEU A 179 8.49 10.04 14.54
N TYR A 180 7.94 8.88 14.80
CA TYR A 180 7.83 8.33 16.15
C TYR A 180 8.57 7.01 16.15
N HIS A 181 9.36 6.74 17.18
CA HIS A 181 10.09 5.47 17.29
C HIS A 181 10.01 4.91 18.72
N ARG A 182 9.84 3.60 18.82
CA ARG A 182 9.77 2.91 20.10
C ARG A 182 11.10 2.18 20.33
N ASN A 183 11.72 2.42 21.48
CA ASN A 183 13.02 1.80 21.75
C ASN A 183 12.84 0.43 22.41
N ASP A 184 13.97 -0.18 22.79
CA ASP A 184 13.96 -1.48 23.44
C ASP A 184 13.28 -1.53 24.81
N GLN A 185 13.18 -0.37 25.47
CA GLN A 185 12.43 -0.23 26.74
C GLN A 185 10.96 0.10 26.58
N GLN A 186 10.47 0.07 25.34
CA GLN A 186 9.07 0.34 25.02
C GLN A 186 8.67 1.82 25.18
N GLU A 187 9.68 2.68 25.19
CA GLU A 187 9.47 4.10 25.33
C GLU A 187 9.44 4.73 23.92
N TRP A 188 8.46 5.62 23.70
CA TRP A 188 8.34 6.33 22.43
C TRP A 188 9.06 7.67 22.45
N SER A 189 9.70 7.99 21.33
CA SER A 189 10.26 9.32 21.07
C SER A 189 9.65 9.85 19.80
N SER A 190 9.61 11.16 19.65
CA SER A 190 9.14 11.77 18.41
C SER A 190 9.98 12.93 17.96
N GLU A 191 9.95 13.21 16.67
CA GLU A 191 10.71 14.32 16.12
C GLU A 191 10.09 14.82 14.84
N ALA A 192 10.04 16.12 14.70
CA ALA A 192 9.60 16.74 13.46
C ALA A 192 10.75 16.64 12.45
N ILE A 193 10.41 16.20 11.23
CA ILE A 193 11.40 15.99 10.17
C ILE A 193 10.95 16.68 8.90
N ASN A 194 11.89 16.88 7.98
CA ASN A 194 11.53 17.53 6.73
C ASN A 194 10.65 16.62 5.86
N PRO A 195 9.56 17.17 5.32
CA PRO A 195 8.72 16.38 4.41
C PRO A 195 9.50 15.66 3.31
N GLY B 1 5.48 -4.08 -23.08
CA GLY B 1 5.47 -4.26 -24.56
C GLY B 1 4.90 -3.05 -25.27
N SER B 3 2.43 -3.37 -27.79
CA SER B 3 1.00 -3.63 -27.75
C SER B 3 0.46 -3.30 -26.37
N LEU B 4 -0.75 -2.74 -26.30
CA LEU B 4 -1.39 -2.48 -25.02
C LEU B 4 -1.57 -3.78 -24.25
N ALA B 5 -1.20 -3.76 -22.97
CA ALA B 5 -1.41 -4.92 -22.11
C ALA B 5 -2.90 -5.13 -21.90
N PRO B 6 -3.31 -6.37 -21.64
CA PRO B 6 -4.74 -6.69 -21.55
C PRO B 6 -5.50 -6.12 -20.37
N TRP B 7 -4.78 -5.60 -19.36
CA TRP B 7 -5.34 -4.91 -18.21
C TRP B 7 -5.45 -3.38 -18.43
N ARG B 8 -4.98 -2.86 -19.56
CA ARG B 8 -4.97 -1.42 -19.79
C ARG B 8 -6.40 -0.90 -19.90
N GLY B 9 -7.29 -1.64 -20.53
CA GLY B 9 -8.69 -1.21 -20.60
C GLY B 9 -9.32 -1.06 -19.23
N ALA B 10 -9.07 -2.04 -18.37
CA ALA B 10 -9.59 -2.04 -17.02
C ALA B 10 -9.10 -0.85 -16.25
N ILE B 11 -7.82 -0.48 -16.38
CA ILE B 11 -7.26 0.72 -15.69
CA ILE B 11 -7.33 0.67 -15.63
C ILE B 11 -7.91 1.97 -16.23
N ALA B 12 -8.06 2.06 -17.57
CA ALA B 12 -8.73 3.20 -18.18
C ALA B 12 -10.13 3.37 -17.65
N HIS B 13 -10.86 2.28 -17.55
CA HIS B 13 -12.25 2.35 -17.08
C HIS B 13 -12.27 2.85 -15.61
N ALA B 14 -11.35 2.33 -14.80
CA ALA B 14 -11.28 2.70 -13.36
C ALA B 14 -10.98 4.17 -13.23
N LEU B 15 -10.02 4.64 -14.00
CA LEU B 15 -9.64 6.05 -13.93
C LEU B 15 -10.85 6.93 -14.32
N HIS B 16 -11.54 6.54 -15.38
CA HIS B 16 -12.69 7.32 -15.85
C HIS B 16 -13.78 7.34 -14.80
N ARG B 17 -14.09 6.16 -14.27
CA ARG B 17 -15.24 5.98 -13.40
C ARG B 17 -15.00 6.48 -11.99
N ASN B 18 -13.77 6.89 -11.70
CA ASN B 18 -13.42 7.49 -10.42
C ASN B 18 -12.90 8.93 -10.60
N ARG B 19 -13.22 9.54 -11.74
CA ARG B 19 -12.61 10.82 -12.09
C ARG B 19 -13.07 11.97 -11.17
N SER B 20 -14.17 11.81 -10.44
CA SER B 20 -14.59 12.87 -9.53
C SER B 20 -13.72 12.92 -8.26
N LEU B 21 -12.89 11.91 -8.04
CA LEU B 21 -12.06 11.83 -6.82
C LEU B 21 -10.63 12.12 -7.19
N VAL B 22 -10.09 13.24 -6.70
CA VAL B 22 -8.70 13.55 -7.06
C VAL B 22 -7.75 12.43 -6.59
N TYR B 23 -8.10 11.85 -5.44
CA TYR B 23 -7.25 10.86 -4.82
C TYR B 23 -7.34 9.47 -5.43
N ALA B 24 -8.19 9.29 -6.44
CA ALA B 24 -8.20 8.02 -7.18
C ALA B 24 -6.89 7.83 -7.99
N ARG B 25 -6.08 8.87 -8.16
CA ARG B 25 -4.78 8.69 -8.76
C ARG B 25 -3.65 8.52 -7.75
N TYR B 26 -3.98 8.32 -6.48
CA TYR B 26 -2.96 8.06 -5.48
C TYR B 26 -2.91 6.55 -5.24
N LEU B 27 -1.72 6.01 -5.19
CA LEU B 27 -1.55 4.58 -5.04
C LEU B 27 -0.36 4.35 -4.09
N GLN B 28 -0.20 3.14 -3.61
CA GLN B 28 0.83 2.84 -2.64
C GLN B 28 1.90 1.95 -3.24
N LEU B 29 3.14 2.36 -3.13
CA LEU B 29 4.28 1.66 -3.75
C LEU B 29 5.08 1.01 -2.62
N ALA B 30 5.17 -0.30 -2.64
CA ALA B 30 5.98 -1.08 -1.73
C ALA B 30 7.28 -1.50 -2.34
N THR B 31 8.35 -1.28 -1.58
CA THR B 31 9.68 -1.68 -1.93
C THR B 31 10.25 -2.54 -0.76
N VAL B 32 11.45 -3.06 -0.94
CA VAL B 32 12.15 -3.76 0.14
C VAL B 32 13.41 -2.98 0.42
N GLN B 33 13.70 -2.84 1.70
CA GLN B 33 14.92 -2.20 2.18
C GLN B 33 16.10 -3.18 2.16
N PRO B 34 17.32 -2.63 2.18
CA PRO B 34 18.51 -3.48 2.27
C PRO B 34 18.51 -4.43 3.45
N ASN B 35 17.90 -4.05 4.57
CA ASN B 35 17.77 -4.98 5.68
C ASN B 35 16.66 -6.03 5.55
N GLY B 36 15.98 -6.05 4.40
CA GLY B 36 14.98 -7.08 4.13
C GLY B 36 13.57 -6.74 4.51
N ARG B 37 13.36 -5.59 5.13
CA ARG B 37 12.04 -5.18 5.58
C ARG B 37 11.34 -4.40 4.51
N PRO B 38 10.02 -4.54 4.44
CA PRO B 38 9.25 -3.77 3.46
C PRO B 38 9.18 -2.29 3.79
N ALA B 39 8.82 -1.47 2.80
CA ALA B 39 8.55 -0.06 2.98
C ALA B 39 7.39 0.22 2.06
N ASN B 40 6.52 1.16 2.42
CA ASN B 40 5.26 1.40 1.69
C ASN B 40 4.85 2.85 1.82
N ARG B 41 4.59 3.53 0.70
CA ARG B 41 4.23 4.93 0.76
C ARG B 41 3.41 5.30 -0.44
N THR B 42 2.62 6.35 -0.30
CA THR B 42 1.75 6.80 -1.36
C THR B 42 2.54 7.67 -2.36
N LEU B 43 2.20 7.50 -3.64
CA LEU B 43 2.69 8.31 -4.72
C LEU B 43 1.52 8.74 -5.57
N VAL B 44 1.73 9.75 -6.42
CA VAL B 44 0.74 10.14 -7.42
C VAL B 44 1.05 9.44 -8.75
N PHE B 45 0.06 8.76 -9.29
CA PHE B 45 0.15 8.21 -10.63
C PHE B 45 0.15 9.34 -11.65
N ARG B 46 1.17 9.37 -12.50
CA ARG B 46 1.26 10.38 -13.55
CA ARG B 46 1.25 10.38 -13.55
C ARG B 46 1.30 9.77 -14.94
N GLY B 47 0.37 8.88 -15.22
CA GLY B 47 0.12 8.42 -16.56
C GLY B 47 1.04 7.33 -17.01
N PHE B 48 0.70 6.72 -18.12
CA PHE B 48 1.57 5.74 -18.76
C PHE B 48 2.57 6.45 -19.65
N LEU B 49 3.77 5.90 -19.73
CA LEU B 49 4.77 6.41 -20.66
C LEU B 49 4.37 6.05 -22.06
N GLU B 50 4.37 7.06 -22.92
CA GLU B 50 3.94 6.92 -24.31
C GLU B 50 4.58 5.73 -24.98
N ASP B 51 3.74 4.96 -25.67
CA ASP B 51 4.13 3.78 -26.46
C ASP B 51 4.64 2.61 -25.63
N THR B 52 4.29 2.60 -24.32
CA THR B 52 4.67 1.54 -23.44
C THR B 52 3.51 1.25 -22.46
N ASN B 53 3.70 0.20 -21.68
CA ASN B 53 2.81 -0.11 -20.57
C ASN B 53 3.37 0.30 -19.21
N GLN B 54 4.38 1.17 -19.22
CA GLN B 54 5.07 1.56 -17.99
C GLN B 54 4.32 2.70 -17.34
N LEU B 55 4.23 2.67 -16.02
CA LEU B 55 3.59 3.71 -15.24
C LEU B 55 4.60 4.74 -14.83
N ARG B 56 4.24 6.04 -14.90
CA ARG B 56 5.10 7.13 -14.49
C ARG B 56 4.81 7.67 -13.10
N PHE B 57 5.90 7.89 -12.35
CA PHE B 57 5.88 8.58 -11.06
C PHE B 57 7.10 9.50 -11.01
N ILE B 58 7.08 10.38 -10.01
CA ILE B 58 8.27 11.21 -9.74
C ILE B 58 8.71 10.99 -8.30
N THR B 59 10.00 11.20 -8.04
CA THR B 59 10.50 11.16 -6.68
C THR B 59 11.80 11.95 -6.57
N ASP B 60 12.21 12.24 -5.34
CA ASP B 60 13.43 12.99 -5.07
C ASP B 60 14.59 12.01 -4.92
N THR B 61 15.75 12.30 -5.52
CA THR B 61 16.93 11.46 -5.38
C THR B 61 17.38 11.35 -3.94
N ARG B 62 17.03 12.34 -3.13
CA ARG B 62 17.44 12.38 -1.72
C ARG B 62 16.55 11.52 -0.81
N SER B 63 15.45 11.03 -1.34
CA SER B 63 14.46 10.24 -0.56
C SER B 63 15.04 8.84 -0.29
N ALA B 64 14.56 8.25 0.81
CA ALA B 64 14.97 6.90 1.16
C ALA B 64 14.62 5.89 0.11
N LYS B 65 13.49 6.05 -0.58
CA LYS B 65 13.08 5.04 -1.55
C LYS B 65 14.11 5.00 -2.69
N ALA B 66 14.78 6.10 -2.96
CA ALA B 66 15.72 6.10 -4.09
C ALA B 66 16.85 5.10 -3.90
N ASP B 67 17.42 5.05 -2.70
CA ASP B 67 18.47 4.06 -2.45
C ASP B 67 17.92 2.65 -2.42
N GLN B 68 16.69 2.51 -1.90
CA GLN B 68 16.07 1.20 -1.84
C GLN B 68 15.93 0.63 -3.24
N ILE B 69 15.43 1.45 -4.15
CA ILE B 69 15.16 1.02 -5.52
C ILE B 69 16.47 0.73 -6.28
N GLN B 70 17.49 1.56 -6.05
CA GLN B 70 18.78 1.32 -6.66
C GLN B 70 19.31 -0.07 -6.25
N GLN B 71 19.11 -0.47 -4.99
CA GLN B 71 19.58 -1.79 -4.55
C GLN B 71 18.65 -2.94 -4.94
N GLN B 72 17.35 -2.69 -5.06
CA GLN B 72 16.40 -3.75 -5.39
C GLN B 72 15.27 -3.10 -6.18
N PRO B 73 15.42 -3.10 -7.51
CA PRO B 73 14.42 -2.45 -8.36
CA PRO B 73 14.43 -2.38 -8.29
C PRO B 73 13.28 -3.33 -8.76
C PRO B 73 12.97 -3.01 -8.30
N TRP B 74 12.67 -4.00 -7.77
N TRP B 74 12.74 -4.17 -7.74
CA TRP B 74 11.40 -4.75 -7.90
C TRP B 74 10.43 -4.19 -6.85
N ALA B 75 9.26 -3.71 -7.31
CA ALA B 75 8.26 -3.10 -6.43
C ALA B 75 6.89 -3.70 -6.70
N GLU B 76 5.98 -3.50 -5.77
CA GLU B 76 4.57 -3.88 -5.97
C GLU B 76 3.73 -2.68 -5.56
N ILE B 77 2.89 -2.21 -6.48
CA ILE B 77 1.93 -1.18 -6.16
C ILE B 77 0.62 -1.82 -5.77
N CYS B 78 -0.13 -1.17 -4.89
CA CYS B 78 -1.52 -1.47 -4.58
C CYS B 78 -2.27 -0.20 -4.83
N TRP B 79 -3.31 -0.29 -5.64
CA TRP B 79 -4.07 0.86 -6.11
C TRP B 79 -5.54 0.59 -5.91
N TYR B 80 -6.17 1.33 -5.03
CA TYR B 80 -7.57 1.15 -4.71
C TYR B 80 -8.38 2.32 -5.24
N PHE B 81 -9.45 1.99 -5.97
CA PHE B 81 -10.34 2.97 -6.55
C PHE B 81 -11.63 2.99 -5.75
N PRO B 82 -11.90 4.04 -4.97
CA PRO B 82 -12.97 3.95 -4.01
C PRO B 82 -14.39 4.00 -4.52
N ASN B 83 -14.64 4.63 -5.66
CA ASN B 83 -16.03 4.71 -6.15
C ASN B 83 -16.45 3.43 -6.85
N THR B 84 -15.53 2.78 -7.56
CA THR B 84 -15.87 1.50 -8.19
C THR B 84 -15.50 0.29 -7.35
N ARG B 85 -14.82 0.51 -6.24
CA ARG B 85 -14.51 -0.56 -5.26
C ARG B 85 -13.71 -1.67 -5.91
N GLU B 86 -12.62 -1.27 -6.55
CA GLU B 86 -11.71 -2.19 -7.18
C GLU B 86 -10.27 -1.89 -6.88
N GLN B 87 -9.48 -2.96 -6.86
CA GLN B 87 -8.07 -2.90 -6.51
C GLN B 87 -7.22 -3.48 -7.64
N PHE B 88 -6.11 -2.81 -7.96
CA PHE B 88 -5.08 -3.36 -8.82
C PHE B 88 -3.81 -3.47 -8.03
N ARG B 89 -3.21 -4.65 -8.04
CA ARG B 89 -1.87 -4.87 -7.54
C ARG B 89 -1.01 -5.11 -8.73
N ALA B 91 3.10 -5.73 -9.98
CA ALA B 91 4.46 -6.01 -9.58
C ALA B 91 5.34 -6.00 -10.80
N GLY B 92 6.53 -5.44 -10.65
CA GLY B 92 7.52 -5.52 -11.71
C GLY B 92 8.71 -4.63 -11.40
N ASP B 93 9.55 -4.44 -12.39
CA ASP B 93 10.81 -3.74 -12.12
C ASP B 93 10.63 -2.24 -12.33
N LEU B 94 11.35 -1.52 -11.49
CA LEU B 94 11.39 -0.07 -11.52
C LEU B 94 12.63 0.37 -12.26
N THR B 95 12.49 1.51 -12.94
CA THR B 95 13.63 2.22 -13.54
C THR B 95 13.63 3.61 -12.91
N LEU B 96 14.73 3.99 -12.28
CA LEU B 96 14.91 5.33 -11.72
C LEU B 96 15.82 6.17 -12.64
N ILE B 97 15.27 7.27 -13.19
CA ILE B 97 15.95 8.09 -14.16
C ILE B 97 16.24 9.40 -13.45
N SER B 98 17.50 9.61 -13.10
CA SER B 98 17.94 10.85 -12.43
C SER B 98 18.75 11.70 -13.42
N SER B 99 19.60 12.56 -12.89
CA SER B 99 20.53 13.32 -13.73
C SER B 99 21.83 12.56 -13.98
N ASP B 100 22.00 11.38 -13.42
CA ASP B 100 23.22 10.59 -13.70
C ASP B 100 23.17 9.97 -15.11
N ASP B 101 24.25 9.35 -15.55
CA ASP B 101 24.32 8.91 -16.95
C ASP B 101 23.79 7.51 -17.26
N SER B 102 23.04 6.91 -16.33
CA SER B 102 22.61 5.51 -16.42
CA SER B 102 22.62 5.51 -16.43
C SER B 102 21.49 5.22 -17.42
N HIS B 103 20.66 6.20 -17.75
CA HIS B 103 19.55 5.95 -18.68
C HIS B 103 19.41 7.09 -19.68
N GLN B 104 20.44 7.31 -20.49
CA GLN B 104 20.47 8.49 -21.36
C GLN B 104 19.30 8.47 -22.34
N ASP B 105 18.87 7.29 -22.77
CA ASP B 105 17.74 7.16 -23.69
C ASP B 105 16.40 7.59 -23.11
N LEU B 106 16.30 7.66 -21.79
CA LEU B 106 15.08 8.10 -21.12
C LEU B 106 15.17 9.52 -20.58
N GLN B 107 16.24 10.26 -20.91
CA GLN B 107 16.29 11.65 -20.48
C GLN B 107 15.15 12.45 -21.13
N PRO B 108 14.88 12.25 -22.43
CA PRO B 108 13.75 13.01 -22.96
C PRO B 108 12.45 12.80 -22.18
N ALA B 109 12.21 11.57 -21.76
CA ALA B 109 11.02 11.29 -20.96
C ALA B 109 11.04 11.98 -19.60
N ARG B 110 12.21 12.01 -18.98
CA ARG B 110 12.39 12.68 -17.69
C ARG B 110 12.16 14.20 -17.82
N ILE B 111 12.72 14.78 -18.88
CA ILE B 111 12.52 16.20 -19.15
C ILE B 111 11.06 16.53 -19.40
N ALA B 112 10.40 15.70 -20.19
CA ALA B 112 8.97 15.95 -20.48
C ALA B 112 8.14 15.85 -19.22
N TRP B 114 9.08 16.48 -16.15
CA TRP B 114 9.36 17.72 -15.41
C TRP B 114 8.55 18.86 -15.94
N GLN B 115 8.49 18.98 -17.25
CA GLN B 115 7.79 20.11 -17.88
C GLN B 115 6.29 20.05 -17.69
N GLU B 116 5.75 18.86 -17.51
CA GLU B 116 4.33 18.64 -17.33
C GLU B 116 3.82 18.88 -15.92
N LEU B 117 4.75 18.98 -14.96
CA LEU B 117 4.36 19.22 -13.58
C LEU B 117 3.78 20.62 -13.38
N SER B 118 3.04 20.79 -12.29
CA SER B 118 2.65 22.11 -11.86
C SER B 118 3.82 22.83 -11.25
N ASP B 119 3.73 24.14 -11.11
CA ASP B 119 4.78 24.90 -10.41
C ASP B 119 4.91 24.40 -8.96
N ALA B 120 3.80 24.06 -8.31
CA ALA B 120 3.86 23.59 -6.93
C ALA B 120 4.63 22.29 -6.81
N ALA B 121 4.40 21.37 -7.76
CA ALA B 121 5.10 20.09 -7.74
C ALA B 121 6.60 20.30 -7.95
N ARG B 122 6.99 21.15 -8.91
CA ARG B 122 8.41 21.44 -9.08
C ARG B 122 9.06 22.06 -7.85
N LEU B 123 8.33 22.95 -7.18
CA LEU B 123 8.90 23.70 -6.05
C LEU B 123 9.39 22.76 -4.96
N GLN B 124 8.71 21.62 -4.76
CA GLN B 124 9.13 20.67 -3.72
C GLN B 124 10.53 20.16 -3.86
N PHE B 125 11.03 20.11 -5.09
CA PHE B 125 12.38 19.65 -5.33
C PHE B 125 13.44 20.62 -4.84
N GLY B 126 13.03 21.82 -4.47
CA GLY B 126 13.95 22.77 -3.86
C GLY B 126 13.80 22.85 -2.34
N TRP B 127 12.96 22.01 -1.76
CA TRP B 127 12.83 21.95 -0.30
C TRP B 127 14.05 21.31 0.37
N PRO B 128 14.19 21.52 1.69
CA PRO B 128 15.32 20.95 2.41
C PRO B 128 15.30 19.43 2.45
N TYR B 129 16.43 18.85 2.86
CA TYR B 129 16.71 17.44 2.66
C TYR B 129 15.66 16.61 3.36
N PRO B 130 14.95 15.74 2.62
CA PRO B 130 13.87 14.98 3.25
C PRO B 130 14.36 14.09 4.38
N GLY B 131 13.58 14.08 5.44
CA GLY B 131 13.84 13.15 6.57
C GLY B 131 14.79 13.69 7.59
N LYS B 132 15.46 14.80 7.34
CA LYS B 132 16.34 15.39 8.34
C LYS B 132 15.52 16.20 9.35
N PRO B 133 16.08 16.46 10.54
CA PRO B 133 15.34 17.26 11.51
C PRO B 133 14.83 18.56 10.94
N ARG B 134 13.56 18.87 11.19
CA ARG B 134 12.94 20.05 10.64
C ARG B 134 13.64 21.27 11.29
N GLY B 139 11.77 30.26 5.59
CA GLY B 139 11.84 30.50 4.14
C GLY B 139 12.39 29.33 3.33
N ALA B 140 12.88 28.30 4.03
CA ALA B 140 13.43 27.10 3.37
C ALA B 140 12.42 26.40 2.45
N PHE B 141 11.12 26.61 2.71
CA PHE B 141 10.08 25.93 1.93
C PHE B 141 9.47 26.82 0.84
N GLU B 142 10.09 27.99 0.66
CA GLU B 142 9.71 28.91 -0.40
C GLU B 142 10.99 29.34 -1.15
N PRO B 143 11.68 28.36 -1.76
CA PRO B 143 12.86 28.68 -2.58
C PRO B 143 12.45 29.38 -3.88
N SER B 144 13.40 29.96 -4.62
CA SER B 144 13.03 30.54 -5.93
C SER B 144 12.49 29.40 -6.76
N PRO B 145 11.42 29.65 -7.53
CA PRO B 145 10.81 28.57 -8.34
C PRO B 145 11.82 27.95 -9.30
N PRO B 146 11.93 26.62 -9.29
CA PRO B 146 12.84 25.97 -10.23
C PRO B 146 12.49 26.30 -11.69
N ASP B 147 13.52 26.25 -12.53
CA ASP B 147 13.34 26.36 -13.98
C ASP B 147 12.28 25.37 -14.43
N PRO B 148 11.23 25.83 -15.13
CA PRO B 148 10.16 24.91 -15.55
C PRO B 148 10.46 24.08 -16.79
N ILE B 149 11.60 24.33 -17.43
CA ILE B 149 11.99 23.74 -18.69
C ILE B 149 13.02 22.63 -18.46
N GLU B 150 13.96 22.87 -17.53
CA GLU B 150 15.11 22.01 -17.31
C GLU B 150 15.10 21.42 -15.89
N PRO B 151 15.05 20.10 -15.76
CA PRO B 151 14.90 19.51 -14.42
C PRO B 151 16.12 19.73 -13.53
N VAL B 152 15.86 19.84 -12.22
CA VAL B 152 16.92 19.95 -11.24
C VAL B 152 17.53 18.55 -10.98
N PRO B 153 18.78 18.51 -10.49
CA PRO B 153 19.47 17.23 -10.38
C PRO B 153 18.84 16.25 -9.46
N ASN B 154 18.09 16.70 -8.47
CA ASN B 154 17.46 15.77 -7.58
C ASN B 154 16.09 15.27 -8.03
N PHE B 155 15.63 15.72 -9.19
CA PHE B 155 14.38 15.23 -9.77
C PHE B 155 14.60 13.86 -10.45
N CYS B 156 13.78 12.87 -10.11
CA CYS B 156 13.76 11.59 -10.79
C CYS B 156 12.42 11.32 -11.42
N LEU B 157 12.46 10.76 -12.63
CA LEU B 157 11.31 10.03 -13.16
C LEU B 157 11.48 8.56 -12.73
N LEU B 158 10.40 7.99 -12.22
CA LEU B 158 10.40 6.62 -11.77
C LEU B 158 9.38 5.88 -12.63
N LEU B 159 9.78 4.79 -13.28
CA LEU B 159 8.90 4.00 -14.14
C LEU B 159 8.71 2.62 -13.52
N LEU B 160 7.47 2.11 -13.54
CA LEU B 160 7.23 0.73 -13.17
C LEU B 160 6.75 0.00 -14.41
N ASP B 161 7.38 -1.14 -14.71
CA ASP B 161 7.01 -2.02 -15.86
C ASP B 161 6.37 -3.30 -15.29
N PRO B 162 5.03 -3.34 -15.25
CA PRO B 162 4.42 -4.51 -14.60
C PRO B 162 4.66 -5.80 -15.35
N VAL B 163 4.93 -6.86 -14.58
CA VAL B 163 4.99 -8.22 -15.09
C VAL B 163 3.88 -9.10 -14.55
N GLN B 164 3.21 -8.65 -13.51
CA GLN B 164 2.08 -9.37 -12.95
C GLN B 164 1.09 -8.38 -12.42
N VAL B 165 -0.20 -8.61 -12.68
CA VAL B 165 -1.27 -7.70 -12.27
C VAL B 165 -2.39 -8.55 -11.70
N ASP B 166 -2.91 -8.22 -10.52
CA ASP B 166 -4.01 -8.88 -9.83
C ASP B 166 -5.08 -7.83 -9.69
N HIS B 167 -6.20 -8.00 -10.36
CA HIS B 167 -7.30 -7.07 -10.38
C HIS B 167 -8.49 -7.68 -9.64
N LEU B 168 -8.91 -7.04 -8.57
CA LEU B 168 -10.02 -7.47 -7.75
C LEU B 168 -11.15 -6.47 -7.82
N GLU B 169 -12.34 -6.92 -8.21
CA GLU B 169 -13.53 -6.09 -8.24
C GLU B 169 -14.43 -6.55 -7.12
N LEU B 170 -14.69 -5.65 -6.16
CA LEU B 170 -15.59 -6.02 -5.08
C LEU B 170 -17.05 -6.00 -5.47
N ARG B 171 -17.41 -5.33 -6.57
CA ARG B 171 -18.78 -5.33 -7.10
C ARG B 171 -18.91 -6.39 -8.18
N GLY B 172 -18.96 -7.64 -7.78
CA GLY B 172 -19.13 -8.74 -8.72
C GLY B 172 -20.26 -9.65 -8.30
N GLU B 173 -20.09 -10.94 -8.60
CA GLU B 173 -21.08 -11.97 -8.28
C GLU B 173 -20.38 -13.13 -7.58
N PRO B 174 -19.90 -12.90 -6.36
CA PRO B 174 -19.96 -11.69 -5.56
C PRO B 174 -18.79 -10.69 -5.73
N GLN B 175 -17.64 -11.20 -6.17
CA GLN B 175 -16.43 -10.42 -6.47
C GLN B 175 -15.81 -11.06 -7.70
N ASN B 176 -15.06 -10.28 -8.48
CA ASN B 176 -14.30 -10.85 -9.58
C ASN B 176 -12.84 -10.64 -9.31
N ARG B 177 -12.02 -11.62 -9.68
CA ARG B 177 -10.59 -11.47 -9.55
C ARG B 177 -9.89 -12.07 -10.75
N TRP B 178 -8.98 -11.32 -11.32
CA TRP B 178 -8.26 -11.76 -12.51
C TRP B 178 -6.78 -11.56 -12.26
N LEU B 179 -5.98 -12.53 -12.69
CA LEU B 179 -4.54 -12.47 -12.63
C LEU B 179 -4.00 -12.43 -14.05
N TYR B 180 -3.06 -11.54 -14.29
CA TYR B 180 -2.44 -11.33 -15.56
C TYR B 180 -0.95 -11.54 -15.33
N HIS B 181 -0.28 -12.23 -16.23
CA HIS B 181 1.10 -12.48 -16.07
C HIS B 181 1.85 -12.38 -17.43
N ARG B 182 3.00 -11.74 -17.44
CA ARG B 182 3.79 -11.56 -18.65
C ARG B 182 4.94 -12.56 -18.67
N ASN B 183 5.08 -13.29 -19.77
CA ASN B 183 6.14 -14.31 -19.89
C ASN B 183 7.42 -13.71 -20.49
N ASP B 184 8.48 -14.49 -20.66
N ASP B 184 8.41 -14.56 -20.65
CA ASP B 184 9.72 -13.87 -21.18
CA ASP B 184 9.69 -14.16 -21.19
C ASP B 184 9.65 -13.52 -22.67
C ASP B 184 9.58 -13.50 -22.57
N GLN B 185 8.60 -13.94 -23.36
CA GLN B 185 8.38 -13.46 -24.75
C GLN B 185 7.55 -12.17 -24.74
N GLN B 186 7.23 -11.67 -23.53
CA GLN B 186 6.53 -10.40 -23.34
C GLN B 186 5.03 -10.52 -23.73
N GLU B 187 4.55 -11.75 -23.72
CA GLU B 187 3.14 -12.05 -23.97
C GLU B 187 2.41 -12.15 -22.64
N TRP B 188 1.21 -11.61 -22.61
CA TRP B 188 0.38 -11.64 -21.41
C TRP B 188 -0.64 -12.77 -21.47
N SER B 189 -0.81 -13.43 -20.33
CA SER B 189 -1.84 -14.39 -20.12
C SER B 189 -2.78 -13.81 -19.06
N SER B 190 -4.01 -14.31 -19.04
CA SER B 190 -4.93 -13.96 -17.97
C SER B 190 -5.79 -15.12 -17.54
N GLU B 191 -6.25 -15.00 -16.31
CA GLU B 191 -6.95 -16.08 -15.69
C GLU B 191 -7.88 -15.56 -14.62
N ALA B 192 -9.14 -15.98 -14.66
CA ALA B 192 -10.07 -15.70 -13.60
C ALA B 192 -9.75 -16.63 -12.43
N ILE B 193 -9.67 -16.03 -11.23
CA ILE B 193 -9.27 -16.77 -10.06
C ILE B 193 -10.22 -16.48 -8.89
N ASN B 194 -10.25 -17.37 -7.91
CA ASN B 194 -11.16 -17.16 -6.77
C ASN B 194 -10.71 -16.01 -5.95
N PRO B 195 -11.62 -15.13 -5.59
CA PRO B 195 -11.28 -13.98 -4.71
C PRO B 195 -10.52 -14.35 -3.47
#